data_1GLP
#
_entry.id   1GLP
#
_cell.length_a   102.100
_cell.length_b   77.600
_cell.length_c   57.700
_cell.angle_alpha   90.00
_cell.angle_beta   90.00
_cell.angle_gamma   90.00
#
_symmetry.space_group_name_H-M   'P 21 21 21'
#
loop_
_entity.id
_entity.type
_entity.pdbx_description
1 polymer 'GLUTATHIONE S-TRANSFERASE YFYF'
2 non-polymer 'GLUTATHIONE SULFONIC ACID'
3 water water
#
_entity_poly.entity_id   1
_entity_poly.type   'polypeptide(L)'
_entity_poly.pdbx_seq_one_letter_code
;PPYTIVYFPVRGRCEAMRMLLADQGQSWKEEVVTIDTWMQGLLKPTCLYGQLPKFEDGDLTLYQSNAILRHLGRSLGLYG
KNQREAAQMDMVNDGVEDLRGKYVTLIYTNYENGKNDYVKALPGHLKPFETLLSQNQGGKAFIVGDQISFADYNLLDLLL
IHQVLAPGCLDNFPLLSAYVARLSARPKIKAFLSSPEHVNRPINGNGKQ
;
_entity_poly.pdbx_strand_id   A,B
#
# COMPACT_ATOMS: atom_id res chain seq x y z
N PRO A 1 4.66 18.46 -14.65
CA PRO A 1 6.08 18.24 -14.85
C PRO A 1 6.74 19.58 -14.47
N PRO A 2 8.06 19.79 -14.37
CA PRO A 2 9.10 18.77 -14.61
C PRO A 2 9.14 17.68 -13.51
N TYR A 3 9.68 16.48 -13.76
CA TYR A 3 9.74 15.40 -12.79
C TYR A 3 11.17 15.23 -12.32
N THR A 4 11.35 15.04 -11.00
CA THR A 4 12.67 14.73 -10.45
C THR A 4 12.48 13.54 -9.52
N ILE A 5 13.34 12.52 -9.61
CA ILE A 5 13.29 11.41 -8.68
C ILE A 5 14.53 11.56 -7.80
N VAL A 6 14.38 11.47 -6.49
CA VAL A 6 15.47 11.59 -5.55
C VAL A 6 15.58 10.23 -4.85
N TYR A 7 16.71 9.52 -4.99
CA TYR A 7 16.82 8.15 -4.48
C TYR A 7 18.28 7.70 -4.43
N PHE A 8 18.45 6.60 -3.70
CA PHE A 8 19.72 5.88 -3.61
C PHE A 8 20.07 5.33 -4.98
N PRO A 9 21.35 5.03 -5.29
CA PRO A 9 21.75 4.55 -6.61
C PRO A 9 21.42 3.07 -6.83
N VAL A 10 20.13 2.72 -6.74
CA VAL A 10 19.64 1.36 -6.88
C VAL A 10 18.35 1.44 -7.69
N ARG A 11 17.90 0.28 -8.18
CA ARG A 11 16.64 0.19 -8.89
C ARG A 11 15.55 0.29 -7.82
N GLY A 12 15.56 -0.68 -6.90
CA GLY A 12 14.66 -0.77 -5.78
C GLY A 12 13.22 -0.44 -6.12
N ARG A 13 12.70 0.48 -5.30
CA ARG A 13 11.31 0.94 -5.37
C ARG A 13 11.10 2.02 -6.41
N CYS A 14 12.13 2.41 -7.19
CA CYS A 14 11.94 3.38 -8.24
C CYS A 14 12.00 2.83 -9.66
N GLU A 15 12.39 1.58 -9.94
CA GLU A 15 12.49 1.22 -11.35
C GLU A 15 11.14 1.12 -12.03
N ALA A 16 10.05 0.77 -11.36
CA ALA A 16 8.74 0.71 -12.02
C ALA A 16 8.29 2.12 -12.41
N MET A 17 8.48 3.13 -11.54
CA MET A 17 8.14 4.48 -11.99
C MET A 17 9.05 4.99 -13.12
N ARG A 18 10.36 4.65 -13.14
CA ARG A 18 11.23 5.01 -14.25
C ARG A 18 10.72 4.39 -15.55
N MET A 19 10.32 3.10 -15.55
CA MET A 19 9.81 2.49 -16.75
C MET A 19 8.50 3.13 -17.17
N LEU A 20 7.60 3.47 -16.25
CA LEU A 20 6.35 4.13 -16.60
C LEU A 20 6.64 5.46 -17.32
N LEU A 21 7.50 6.30 -16.73
CA LEU A 21 7.82 7.58 -17.34
C LEU A 21 8.50 7.42 -18.70
N ALA A 22 9.40 6.44 -18.87
CA ALA A 22 10.06 6.19 -20.13
C ALA A 22 9.06 5.72 -21.17
N ASP A 23 8.15 4.82 -20.80
CA ASP A 23 7.20 4.31 -21.77
C ASP A 23 6.20 5.36 -22.16
N GLN A 24 5.92 6.34 -21.30
CA GLN A 24 5.01 7.42 -21.62
C GLN A 24 5.71 8.61 -22.28
N GLY A 25 6.97 8.43 -22.67
CA GLY A 25 7.72 9.45 -23.39
C GLY A 25 8.07 10.66 -22.55
N GLN A 26 8.11 10.53 -21.22
CA GLN A 26 8.44 11.63 -20.35
C GLN A 26 9.92 11.67 -20.10
N SER A 27 10.49 12.84 -19.79
CA SER A 27 11.85 12.82 -19.34
C SER A 27 11.77 13.23 -17.87
N TRP A 28 12.79 12.90 -17.05
CA TRP A 28 12.87 13.23 -15.65
C TRP A 28 14.32 13.51 -15.25
N LYS A 29 14.55 14.15 -14.12
CA LYS A 29 15.87 14.42 -13.62
C LYS A 29 16.05 13.36 -12.55
N GLU A 30 17.27 12.94 -12.32
CA GLU A 30 17.57 11.85 -11.38
C GLU A 30 18.55 12.50 -10.44
N GLU A 31 18.17 12.60 -9.18
CA GLU A 31 18.98 13.23 -8.15
C GLU A 31 19.41 12.06 -7.26
N VAL A 32 20.64 11.59 -7.45
CA VAL A 32 21.14 10.39 -6.78
C VAL A 32 21.73 10.76 -5.45
N VAL A 33 21.37 10.02 -4.43
CA VAL A 33 21.84 10.27 -3.08
C VAL A 33 22.76 9.12 -2.69
N THR A 34 24.06 9.37 -2.50
CA THR A 34 24.97 8.34 -2.11
C THR A 34 24.77 8.05 -0.62
N ILE A 35 25.24 6.90 -0.14
CA ILE A 35 25.06 6.56 1.27
C ILE A 35 25.86 7.46 2.19
N ASP A 36 27.01 7.95 1.74
CA ASP A 36 27.77 8.92 2.50
C ASP A 36 26.94 10.17 2.77
N THR A 37 26.29 10.68 1.70
CA THR A 37 25.47 11.86 1.79
C THR A 37 24.33 11.58 2.70
N TRP A 38 23.57 10.49 2.51
CA TRP A 38 22.46 10.17 3.39
C TRP A 38 22.91 10.12 4.83
N MET A 39 24.06 9.49 5.08
CA MET A 39 24.56 9.37 6.43
C MET A 39 25.04 10.69 7.04
N GLN A 40 25.31 11.77 6.28
CA GLN A 40 25.54 13.10 6.83
C GLN A 40 24.31 13.57 7.61
N GLY A 41 23.10 13.02 7.39
CA GLY A 41 21.97 13.33 8.27
C GLY A 41 21.28 14.66 8.04
N LEU A 42 21.55 15.35 6.94
CA LEU A 42 20.88 16.60 6.57
C LEU A 42 19.58 16.47 5.76
N LEU A 43 19.53 15.45 4.90
CA LEU A 43 18.41 15.25 4.01
C LEU A 43 17.31 14.45 4.69
N LYS A 44 17.65 13.40 5.43
CA LYS A 44 16.65 12.53 6.02
C LYS A 44 15.64 13.26 6.87
N PRO A 45 15.98 14.21 7.77
CA PRO A 45 14.97 14.88 8.58
C PRO A 45 14.06 15.78 7.77
N THR A 46 14.38 16.15 6.52
CA THR A 46 13.43 16.92 5.73
C THR A 46 12.50 16.03 4.92
N CYS A 47 12.68 14.70 4.98
CA CYS A 47 11.85 13.77 4.28
C CYS A 47 10.69 13.46 5.21
N LEU A 48 9.47 13.51 4.71
CA LEU A 48 8.29 13.36 5.57
C LEU A 48 8.32 12.16 6.51
N TYR A 49 8.62 10.98 5.96
CA TYR A 49 8.68 9.77 6.77
C TYR A 49 10.14 9.32 7.04
N GLY A 50 11.11 10.23 6.78
CA GLY A 50 12.55 10.00 6.90
C GLY A 50 13.09 9.05 5.83
N GLN A 51 12.45 8.82 4.69
CA GLN A 51 12.91 7.85 3.71
C GLN A 51 12.77 8.41 2.33
N LEU A 52 13.44 7.73 1.39
CA LEU A 52 13.41 8.00 -0.02
C LEU A 52 12.68 6.86 -0.70
N PRO A 53 12.04 6.93 -1.87
CA PRO A 53 12.10 8.08 -2.80
C PRO A 53 11.37 9.36 -2.43
N LYS A 54 11.90 10.44 -2.97
CA LYS A 54 11.26 11.74 -2.89
C LYS A 54 11.05 12.02 -4.37
N PHE A 55 9.87 12.53 -4.74
CA PHE A 55 9.55 12.83 -6.13
C PHE A 55 8.98 14.25 -6.18
N GLU A 56 9.35 15.00 -7.21
CA GLU A 56 8.89 16.37 -7.40
C GLU A 56 8.20 16.40 -8.75
N ASP A 57 6.95 16.81 -8.77
CA ASP A 57 6.25 16.96 -10.01
C ASP A 57 5.94 18.45 -9.96
N GLY A 58 6.78 19.24 -10.62
CA GLY A 58 6.69 20.69 -10.59
C GLY A 58 6.67 21.14 -9.13
N ASP A 59 5.45 21.57 -8.84
CA ASP A 59 5.01 22.15 -7.58
C ASP A 59 4.89 21.17 -6.39
N LEU A 60 4.54 19.93 -6.71
CA LEU A 60 4.18 18.89 -5.75
C LEU A 60 5.34 18.01 -5.33
N THR A 61 5.56 17.84 -4.05
CA THR A 61 6.59 16.94 -3.58
C THR A 61 5.83 15.80 -2.97
N LEU A 62 6.16 14.59 -3.39
CA LEU A 62 5.55 13.40 -2.84
C LEU A 62 6.63 12.48 -2.27
N TYR A 63 6.16 11.65 -1.35
CA TYR A 63 6.93 10.58 -0.73
C TYR A 63 6.01 9.39 -0.92
N GLN A 64 6.57 8.19 -0.69
CA GLN A 64 5.92 6.88 -0.79
C GLN A 64 5.82 6.43 -2.25
N SER A 65 6.68 5.44 -2.63
CA SER A 65 6.75 5.01 -4.01
C SER A 65 5.40 4.60 -4.61
N ASN A 66 4.49 3.90 -3.93
CA ASN A 66 3.20 3.58 -4.54
C ASN A 66 2.29 4.80 -4.64
N ALA A 67 2.39 5.82 -3.79
CA ALA A 67 1.62 7.06 -3.96
C ALA A 67 2.11 7.79 -5.21
N ILE A 68 3.40 7.83 -5.45
CA ILE A 68 4.01 8.39 -6.65
C ILE A 68 3.53 7.61 -7.89
N LEU A 69 3.48 6.27 -7.84
CA LEU A 69 2.97 5.51 -8.95
C LEU A 69 1.49 5.80 -9.21
N ARG A 70 0.65 5.84 -8.16
CA ARG A 70 -0.79 6.14 -8.35
C ARG A 70 -0.91 7.58 -8.86
N HIS A 71 -0.09 8.56 -8.44
CA HIS A 71 -0.17 9.92 -8.96
C HIS A 71 0.14 9.93 -10.45
N LEU A 72 1.19 9.22 -10.90
CA LEU A 72 1.52 9.18 -12.33
C LEU A 72 0.43 8.45 -13.14
N GLY A 73 -0.21 7.42 -12.58
CA GLY A 73 -1.28 6.72 -13.25
C GLY A 73 -2.47 7.62 -13.36
N ARG A 74 -2.77 8.39 -12.33
CA ARG A 74 -3.89 9.33 -12.34
C ARG A 74 -3.59 10.46 -13.31
N SER A 75 -2.42 11.07 -13.26
CA SER A 75 -2.22 12.21 -14.10
C SER A 75 -1.88 11.91 -15.53
N LEU A 76 -1.43 10.70 -15.87
CA LEU A 76 -1.08 10.41 -17.25
C LEU A 76 -2.10 9.51 -17.90
N GLY A 77 -3.20 9.22 -17.22
CA GLY A 77 -4.28 8.44 -17.80
C GLY A 77 -4.04 6.94 -17.80
N LEU A 78 -3.38 6.43 -16.77
CA LEU A 78 -3.01 5.02 -16.62
C LEU A 78 -3.67 4.37 -15.42
N TYR A 79 -4.93 4.74 -15.15
CA TYR A 79 -5.67 4.26 -13.99
C TYR A 79 -7.05 3.73 -14.40
N GLY A 80 -7.16 3.15 -15.59
CA GLY A 80 -8.43 2.56 -15.99
C GLY A 80 -9.42 3.56 -16.60
N LYS A 81 -10.49 2.97 -17.11
CA LYS A 81 -11.49 3.73 -17.79
C LYS A 81 -12.70 3.87 -16.92
N ASN A 82 -12.75 3.24 -15.76
CA ASN A 82 -13.87 3.39 -14.86
C ASN A 82 -13.46 2.95 -13.47
N GLN A 83 -14.33 3.18 -12.49
CA GLN A 83 -14.10 2.83 -11.09
C GLN A 83 -13.82 1.37 -10.79
N ARG A 84 -14.53 0.47 -11.46
CA ARG A 84 -14.33 -0.96 -11.31
C ARG A 84 -12.90 -1.35 -11.70
N GLU A 85 -12.40 -0.78 -12.79
CA GLU A 85 -11.05 -1.05 -13.22
C GLU A 85 -10.06 -0.46 -12.25
N ALA A 86 -10.32 0.76 -11.77
CA ALA A 86 -9.47 1.42 -10.79
C ALA A 86 -9.37 0.61 -9.50
N ALA A 87 -10.48 0.08 -9.03
CA ALA A 87 -10.50 -0.75 -7.84
C ALA A 87 -9.64 -2.00 -8.08
N GLN A 88 -9.80 -2.67 -9.24
CA GLN A 88 -9.03 -3.87 -9.58
C GLN A 88 -7.55 -3.58 -9.72
N MET A 89 -7.14 -2.42 -10.25
CA MET A 89 -5.74 -2.06 -10.36
C MET A 89 -5.10 -1.84 -8.99
N ASP A 90 -5.87 -1.28 -8.04
CA ASP A 90 -5.40 -1.11 -6.68
C ASP A 90 -5.21 -2.46 -6.04
N MET A 91 -6.17 -3.38 -6.18
CA MET A 91 -6.01 -4.76 -5.64
C MET A 91 -4.76 -5.48 -6.19
N VAL A 92 -4.49 -5.28 -7.49
CA VAL A 92 -3.29 -5.84 -8.10
C VAL A 92 -2.04 -5.19 -7.50
N ASN A 93 -1.98 -3.85 -7.49
CA ASN A 93 -0.79 -3.17 -6.99
C ASN A 93 -0.49 -3.45 -5.54
N ASP A 94 -1.53 -3.66 -4.71
CA ASP A 94 -1.31 -3.98 -3.32
C ASP A 94 -0.76 -5.41 -3.16
N GLY A 95 -1.21 -6.36 -4.01
CA GLY A 95 -0.69 -7.72 -4.01
C GLY A 95 0.78 -7.72 -4.45
N VAL A 96 1.12 -6.84 -5.40
CA VAL A 96 2.51 -6.66 -5.88
C VAL A 96 3.38 -6.15 -4.75
N GLU A 97 2.91 -5.11 -4.09
CA GLU A 97 3.62 -4.56 -2.96
C GLU A 97 3.78 -5.61 -1.84
N ASP A 98 2.77 -6.45 -1.52
CA ASP A 98 2.99 -7.46 -0.47
C ASP A 98 4.13 -8.41 -0.78
N LEU A 99 4.21 -8.88 -2.03
CA LEU A 99 5.28 -9.75 -2.43
C LEU A 99 6.60 -8.98 -2.48
N ARG A 100 6.65 -7.74 -2.97
CA ARG A 100 7.89 -6.94 -2.94
C ARG A 100 8.41 -6.76 -1.50
N GLY A 101 7.52 -6.60 -0.51
CA GLY A 101 7.87 -6.50 0.89
C GLY A 101 8.59 -7.75 1.36
N LYS A 102 8.08 -8.92 0.98
CA LYS A 102 8.70 -10.20 1.33
C LYS A 102 10.05 -10.36 0.63
N TYR A 103 10.12 -9.99 -0.64
CA TYR A 103 11.35 -10.05 -1.43
C TYR A 103 12.43 -9.23 -0.75
N VAL A 104 12.12 -7.96 -0.42
CA VAL A 104 13.05 -7.06 0.27
C VAL A 104 13.55 -7.64 1.61
N THR A 105 12.68 -8.19 2.44
CA THR A 105 13.12 -8.85 3.65
C THR A 105 14.09 -9.97 3.30
N LEU A 106 13.83 -10.87 2.32
CA LEU A 106 14.76 -11.92 1.98
C LEU A 106 16.12 -11.33 1.65
N ILE A 107 16.17 -10.44 0.66
CA ILE A 107 17.42 -9.84 0.18
C ILE A 107 18.25 -9.21 1.28
N TYR A 108 17.64 -8.35 2.11
CA TYR A 108 18.43 -7.68 3.09
C TYR A 108 18.60 -8.48 4.36
N THR A 109 17.67 -9.31 4.82
CA THR A 109 17.87 -9.91 6.13
C THR A 109 18.15 -11.42 6.14
N ASN A 110 17.94 -12.20 5.10
CA ASN A 110 18.13 -13.63 5.24
C ASN A 110 18.36 -14.25 3.90
N TYR A 111 19.24 -13.65 3.08
CA TYR A 111 19.42 -14.14 1.73
C TYR A 111 19.94 -15.57 1.58
N GLU A 112 21.07 -15.77 2.23
CA GLU A 112 21.84 -16.99 2.17
C GLU A 112 21.08 -18.19 2.65
N ASN A 113 20.48 -18.12 3.84
CA ASN A 113 19.69 -19.23 4.34
C ASN A 113 18.29 -19.33 3.74
N GLY A 114 17.57 -18.19 3.73
CA GLY A 114 16.19 -18.11 3.31
C GLY A 114 15.88 -18.27 1.83
N LYS A 115 16.83 -18.08 0.91
CA LYS A 115 16.55 -18.13 -0.51
C LYS A 115 15.84 -19.42 -0.94
N ASN A 116 16.27 -20.56 -0.42
CA ASN A 116 15.69 -21.86 -0.81
C ASN A 116 14.18 -21.96 -0.54
N ASP A 117 13.80 -21.68 0.71
CA ASP A 117 12.41 -21.77 1.07
C ASP A 117 11.60 -20.66 0.41
N TYR A 118 12.20 -19.49 0.12
CA TYR A 118 11.48 -18.44 -0.58
C TYR A 118 11.12 -18.90 -1.98
N VAL A 119 12.13 -19.34 -2.74
CA VAL A 119 11.92 -19.79 -4.09
C VAL A 119 10.93 -20.96 -4.06
N LYS A 120 10.94 -21.80 -3.03
CA LYS A 120 10.00 -22.92 -2.95
C LYS A 120 8.56 -22.44 -2.81
N ALA A 121 8.39 -21.34 -2.10
CA ALA A 121 7.08 -20.77 -1.85
C ALA A 121 6.56 -19.83 -2.91
N LEU A 122 7.44 -19.39 -3.79
CA LEU A 122 7.11 -18.41 -4.81
C LEU A 122 5.98 -18.77 -5.78
N PRO A 123 5.78 -20.00 -6.31
CA PRO A 123 4.65 -20.33 -7.18
C PRO A 123 3.29 -19.97 -6.63
N GLY A 124 3.12 -20.17 -5.33
CA GLY A 124 1.88 -19.81 -4.66
C GLY A 124 1.66 -18.30 -4.61
N HIS A 125 2.74 -17.53 -4.61
CA HIS A 125 2.61 -16.09 -4.59
C HIS A 125 2.42 -15.60 -6.01
N LEU A 126 2.84 -16.36 -7.03
CA LEU A 126 2.72 -15.90 -8.40
C LEU A 126 1.42 -16.29 -9.03
N LYS A 127 0.89 -17.39 -8.55
CA LYS A 127 -0.37 -17.88 -9.07
C LYS A 127 -1.49 -16.82 -9.10
N PRO A 128 -1.79 -15.92 -8.12
CA PRO A 128 -2.84 -14.90 -8.20
C PRO A 128 -2.73 -14.11 -9.49
N PHE A 129 -1.54 -13.72 -9.93
CA PHE A 129 -1.35 -12.88 -11.12
C PHE A 129 -1.65 -13.64 -12.40
N GLU A 130 -1.31 -14.93 -12.38
CA GLU A 130 -1.63 -15.80 -13.51
C GLU A 130 -3.15 -15.93 -13.60
N THR A 131 -3.86 -16.16 -12.49
CA THR A 131 -5.31 -16.19 -12.49
C THR A 131 -5.94 -14.89 -12.98
N LEU A 132 -5.43 -13.73 -12.58
CA LEU A 132 -5.98 -12.48 -13.05
C LEU A 132 -5.81 -12.32 -14.54
N LEU A 133 -4.63 -12.63 -15.10
CA LEU A 133 -4.43 -12.57 -16.54
C LEU A 133 -5.34 -13.55 -17.27
N SER A 134 -5.56 -14.79 -16.80
CA SER A 134 -6.43 -15.69 -17.55
C SER A 134 -7.87 -15.16 -17.59
N GLN A 135 -8.30 -14.52 -16.49
CA GLN A 135 -9.62 -13.93 -16.41
C GLN A 135 -9.67 -12.70 -17.29
N ASN A 136 -8.59 -12.11 -17.81
CA ASN A 136 -8.73 -10.92 -18.61
C ASN A 136 -8.25 -11.17 -20.04
N GLN A 137 -9.26 -11.43 -20.88
CA GLN A 137 -9.07 -11.63 -22.31
C GLN A 137 -8.04 -12.72 -22.57
N GLY A 138 -8.17 -13.77 -21.75
CA GLY A 138 -7.32 -14.95 -21.83
C GLY A 138 -5.84 -14.62 -21.71
N GLY A 139 -5.45 -13.55 -21.02
CA GLY A 139 -4.06 -13.24 -20.83
C GLY A 139 -3.43 -12.47 -21.96
N LYS A 140 -4.15 -12.07 -23.01
CA LYS A 140 -3.52 -11.45 -24.12
C LYS A 140 -3.37 -9.95 -24.03
N ALA A 141 -3.85 -9.26 -23.01
CA ALA A 141 -3.73 -7.83 -22.95
C ALA A 141 -2.95 -7.35 -21.74
N PHE A 142 -3.53 -6.64 -20.75
CA PHE A 142 -2.82 -6.12 -19.59
C PHE A 142 -3.31 -6.76 -18.34
N ILE A 143 -2.86 -6.38 -17.14
CA ILE A 143 -3.31 -7.12 -15.97
C ILE A 143 -4.77 -6.75 -15.70
N VAL A 144 -5.20 -5.50 -15.94
CA VAL A 144 -6.61 -5.14 -15.80
C VAL A 144 -7.02 -4.38 -17.07
N GLY A 145 -8.09 -4.80 -17.73
CA GLY A 145 -8.58 -4.09 -18.90
C GLY A 145 -7.70 -4.18 -20.12
N ASP A 146 -8.06 -3.31 -21.03
CA ASP A 146 -7.50 -3.29 -22.37
C ASP A 146 -6.28 -2.41 -22.53
N GLN A 147 -5.98 -1.55 -21.54
CA GLN A 147 -4.89 -0.61 -21.66
C GLN A 147 -3.92 -0.70 -20.50
N ILE A 148 -2.67 -0.31 -20.78
CA ILE A 148 -1.62 -0.37 -19.76
C ILE A 148 -1.93 0.60 -18.61
N SER A 149 -1.58 0.20 -17.39
CA SER A 149 -1.81 0.99 -16.20
C SER A 149 -0.54 0.98 -15.38
N PHE A 150 -0.52 1.86 -14.37
CA PHE A 150 0.59 1.96 -13.43
C PHE A 150 0.92 0.59 -12.81
N ALA A 151 -0.13 -0.24 -12.61
CA ALA A 151 -0.03 -1.56 -11.99
C ALA A 151 0.73 -2.54 -12.89
N ASP A 152 0.60 -2.45 -14.22
CA ASP A 152 1.40 -3.27 -15.12
C ASP A 152 2.89 -2.94 -14.94
N TYR A 153 3.31 -1.69 -14.84
CA TYR A 153 4.72 -1.38 -14.69
C TYR A 153 5.30 -1.93 -13.41
N ASN A 154 4.54 -1.85 -12.31
CA ASN A 154 4.99 -2.39 -11.03
C ASN A 154 5.00 -3.92 -11.07
N LEU A 155 4.05 -4.62 -11.64
CA LEU A 155 4.09 -6.09 -11.76
C LEU A 155 5.24 -6.54 -12.67
N LEU A 156 5.48 -5.90 -13.80
CA LEU A 156 6.59 -6.23 -14.67
C LEU A 156 7.92 -6.12 -13.93
N ASP A 157 8.19 -5.02 -13.23
CA ASP A 157 9.39 -4.89 -12.44
C ASP A 157 9.49 -6.00 -11.42
N LEU A 158 8.42 -6.34 -10.72
CA LEU A 158 8.46 -7.38 -9.72
C LEU A 158 8.86 -8.72 -10.38
N LEU A 159 8.30 -9.02 -11.56
CA LEU A 159 8.59 -10.29 -12.24
C LEU A 159 9.99 -10.29 -12.81
N LEU A 160 10.48 -9.18 -13.34
CA LEU A 160 11.82 -9.09 -13.85
C LEU A 160 12.86 -9.34 -12.75
N ILE A 161 12.71 -8.84 -11.51
CA ILE A 161 13.70 -9.10 -10.49
C ILE A 161 13.50 -10.51 -9.95
N HIS A 162 12.31 -11.11 -10.01
CA HIS A 162 12.16 -12.48 -9.59
C HIS A 162 12.81 -13.45 -10.56
N GLN A 163 12.83 -13.14 -11.84
CA GLN A 163 13.52 -13.96 -12.80
C GLN A 163 15.02 -13.88 -12.55
N VAL A 164 15.60 -12.78 -12.08
CA VAL A 164 17.02 -12.78 -11.72
C VAL A 164 17.22 -13.67 -10.47
N LEU A 165 16.34 -13.63 -9.47
CA LEU A 165 16.47 -14.49 -8.32
C LEU A 165 16.29 -15.98 -8.59
N ALA A 166 15.34 -16.36 -9.42
CA ALA A 166 15.01 -17.75 -9.61
C ALA A 166 14.67 -17.89 -11.06
N PRO A 167 15.66 -18.14 -11.92
CA PRO A 167 15.51 -18.05 -13.38
C PRO A 167 14.37 -18.84 -14.02
N GLY A 168 13.97 -19.96 -13.43
CA GLY A 168 12.85 -20.67 -14.06
C GLY A 168 11.52 -20.39 -13.35
N CYS A 169 11.35 -19.35 -12.54
CA CYS A 169 10.15 -19.19 -11.75
C CYS A 169 8.89 -19.00 -12.59
N LEU A 170 8.96 -18.56 -13.84
CA LEU A 170 7.75 -18.41 -14.61
C LEU A 170 7.49 -19.55 -15.57
N ASP A 171 8.31 -20.62 -15.56
CA ASP A 171 8.17 -21.71 -16.52
C ASP A 171 6.86 -22.44 -16.45
N ASN A 172 6.25 -22.41 -15.28
CA ASN A 172 4.94 -23.00 -15.13
C ASN A 172 3.83 -21.96 -15.18
N PHE A 173 4.10 -20.73 -15.60
CA PHE A 173 3.09 -19.69 -15.66
C PHE A 173 3.13 -19.12 -17.05
N PRO A 174 2.46 -19.76 -18.02
CA PRO A 174 2.52 -19.41 -19.42
C PRO A 174 2.05 -17.99 -19.69
N LEU A 175 0.96 -17.53 -19.05
CA LEU A 175 0.46 -16.19 -19.32
C LEU A 175 1.38 -15.12 -18.76
N LEU A 176 1.97 -15.34 -17.57
CA LEU A 176 2.94 -14.42 -17.01
C LEU A 176 4.20 -14.41 -17.84
N SER A 177 4.61 -15.55 -18.40
CA SER A 177 5.79 -15.58 -19.26
C SER A 177 5.59 -14.71 -20.47
N ALA A 178 4.46 -14.95 -21.14
CA ALA A 178 4.15 -14.22 -22.36
C ALA A 178 3.93 -12.74 -22.08
N TYR A 179 3.33 -12.40 -20.93
CA TYR A 179 3.11 -11.02 -20.56
C TYR A 179 4.43 -10.27 -20.38
N VAL A 180 5.40 -10.83 -19.64
CA VAL A 180 6.71 -10.23 -19.40
C VAL A 180 7.42 -10.03 -20.72
N ALA A 181 7.37 -11.04 -21.61
CA ALA A 181 7.99 -10.97 -22.92
C ALA A 181 7.38 -9.87 -23.77
N ARG A 182 6.04 -9.79 -23.73
CA ARG A 182 5.29 -8.81 -24.49
C ARG A 182 5.58 -7.38 -24.04
N LEU A 183 5.44 -7.14 -22.74
CA LEU A 183 5.68 -5.80 -22.22
C LEU A 183 7.13 -5.40 -22.32
N SER A 184 8.09 -6.29 -22.10
CA SER A 184 9.51 -5.95 -22.26
C SER A 184 9.84 -5.56 -23.69
N ALA A 185 9.03 -5.99 -24.67
CA ALA A 185 9.29 -5.68 -26.06
C ALA A 185 8.77 -4.32 -26.46
N ARG A 186 7.93 -3.64 -25.65
CA ARG A 186 7.41 -2.33 -25.98
C ARG A 186 8.55 -1.38 -26.25
N PRO A 187 8.60 -0.69 -27.39
CA PRO A 187 9.78 0.02 -27.87
C PRO A 187 10.54 0.86 -26.84
N LYS A 188 9.77 1.66 -26.10
CA LYS A 188 10.37 2.53 -25.11
C LYS A 188 10.74 1.80 -23.83
N ILE A 189 10.15 0.65 -23.51
CA ILE A 189 10.58 -0.15 -22.37
C ILE A 189 11.86 -0.90 -22.76
N LYS A 190 11.93 -1.61 -23.88
CA LYS A 190 13.14 -2.27 -24.37
C LYS A 190 14.37 -1.33 -24.42
N ALA A 191 14.12 -0.08 -24.85
CA ALA A 191 15.14 0.94 -24.90
C ALA A 191 15.59 1.32 -23.49
N PHE A 192 14.65 1.52 -22.54
CA PHE A 192 15.00 1.83 -21.17
C PHE A 192 15.80 0.69 -20.55
N LEU A 193 15.36 -0.55 -20.77
CA LEU A 193 15.99 -1.69 -20.16
C LEU A 193 17.38 -1.95 -20.68
N SER A 194 17.72 -1.42 -21.85
CA SER A 194 19.07 -1.55 -22.38
C SER A 194 19.88 -0.28 -22.13
N SER A 195 19.29 0.73 -21.47
CA SER A 195 20.01 1.94 -21.20
C SER A 195 21.10 1.69 -20.13
N PRO A 196 22.29 2.28 -20.27
CA PRO A 196 23.36 2.21 -19.28
C PRO A 196 22.93 2.68 -17.92
N GLU A 197 22.06 3.70 -17.76
CA GLU A 197 21.54 4.09 -16.43
C GLU A 197 20.79 2.95 -15.75
N HIS A 198 19.94 2.24 -16.50
CA HIS A 198 19.27 1.09 -15.95
C HIS A 198 20.28 -0.03 -15.71
N VAL A 199 21.11 -0.36 -16.72
CA VAL A 199 21.96 -1.54 -16.65
C VAL A 199 23.03 -1.44 -15.55
N ASN A 200 23.56 -0.23 -15.36
CA ASN A 200 24.63 -0.04 -14.40
C ASN A 200 24.13 0.00 -12.99
N ARG A 201 22.83 0.18 -12.82
CA ARG A 201 22.25 0.31 -11.50
C ARG A 201 22.07 -1.06 -10.89
N PRO A 202 22.58 -1.36 -9.68
CA PRO A 202 22.25 -2.56 -8.93
C PRO A 202 20.77 -2.65 -8.59
N ILE A 203 20.23 -3.87 -8.47
CA ILE A 203 18.81 -4.01 -8.17
C ILE A 203 18.60 -3.55 -6.73
N ASN A 204 19.45 -4.05 -5.82
CA ASN A 204 19.31 -3.79 -4.42
C ASN A 204 20.58 -3.11 -3.96
N GLY A 205 20.54 -2.64 -2.72
CA GLY A 205 21.68 -1.92 -2.17
C GLY A 205 22.83 -2.73 -1.55
N ASN A 206 22.65 -4.02 -1.24
CA ASN A 206 23.67 -4.85 -0.58
C ASN A 206 24.39 -5.85 -1.51
N GLY A 207 24.21 -5.70 -2.81
CA GLY A 207 24.83 -6.59 -3.77
C GLY A 207 23.99 -7.82 -4.11
N LYS A 208 23.10 -8.30 -3.25
CA LYS A 208 22.37 -9.51 -3.58
C LYS A 208 21.24 -9.26 -4.56
N GLN A 209 20.96 -10.28 -5.35
CA GLN A 209 19.92 -10.35 -6.36
C GLN A 209 19.64 -11.83 -6.62
N PRO B 1 -23.83 -1.19 -4.23
CA PRO B 1 -24.17 -1.90 -3.02
C PRO B 1 -24.96 -3.10 -3.51
N PRO B 2 -25.41 -4.11 -2.75
CA PRO B 2 -25.21 -4.26 -1.30
C PRO B 2 -23.74 -4.39 -0.86
N TYR B 3 -23.38 -4.05 0.36
CA TYR B 3 -22.00 -4.21 0.82
C TYR B 3 -21.90 -5.40 1.79
N THR B 4 -20.89 -6.25 1.58
CA THR B 4 -20.62 -7.36 2.49
C THR B 4 -19.13 -7.37 2.85
N ILE B 5 -18.78 -7.54 4.10
CA ILE B 5 -17.38 -7.63 4.54
C ILE B 5 -17.27 -9.06 5.05
N VAL B 6 -16.31 -9.83 4.54
CA VAL B 6 -16.03 -11.18 5.00
C VAL B 6 -14.70 -11.12 5.77
N TYR B 7 -14.70 -11.35 7.07
CA TYR B 7 -13.48 -11.24 7.82
C TYR B 7 -13.63 -12.09 9.05
N PHE B 8 -12.51 -12.19 9.75
CA PHE B 8 -12.36 -12.85 11.02
C PHE B 8 -13.03 -11.94 12.05
N PRO B 9 -13.46 -12.47 13.21
CA PRO B 9 -14.18 -11.70 14.23
C PRO B 9 -13.26 -10.74 14.99
N VAL B 10 -12.53 -9.81 14.36
CA VAL B 10 -11.63 -8.89 15.05
C VAL B 10 -11.79 -7.52 14.36
N ARG B 11 -11.27 -6.47 14.99
CA ARG B 11 -11.30 -5.16 14.40
C ARG B 11 -10.29 -5.21 13.28
N GLY B 12 -9.00 -5.38 13.62
CA GLY B 12 -7.92 -5.57 12.64
C GLY B 12 -7.92 -4.60 11.46
N ARG B 13 -7.88 -5.12 10.25
CA ARG B 13 -7.83 -4.33 9.04
C ARG B 13 -9.22 -3.92 8.52
N CYS B 14 -10.31 -4.13 9.24
CA CYS B 14 -11.62 -3.75 8.72
C CYS B 14 -12.31 -2.69 9.54
N GLU B 15 -11.78 -2.27 10.69
CA GLU B 15 -12.46 -1.30 11.51
C GLU B 15 -12.44 0.07 10.88
N ALA B 16 -11.40 0.51 10.16
CA ALA B 16 -11.46 1.78 9.44
C ALA B 16 -12.50 1.74 8.33
N MET B 17 -12.70 0.67 7.53
CA MET B 17 -13.75 0.68 6.52
C MET B 17 -15.12 0.57 7.21
N ARG B 18 -15.30 -0.06 8.36
CA ARG B 18 -16.60 -0.05 9.04
C ARG B 18 -16.91 1.37 9.51
N MET B 19 -15.94 2.10 10.06
CA MET B 19 -16.20 3.48 10.47
C MET B 19 -16.55 4.39 9.29
N LEU B 20 -15.90 4.24 8.12
CA LEU B 20 -16.21 4.97 6.91
C LEU B 20 -17.65 4.69 6.46
N LEU B 21 -18.08 3.42 6.43
CA LEU B 21 -19.41 3.10 5.97
C LEU B 21 -20.43 3.64 6.94
N ALA B 22 -20.20 3.51 8.24
CA ALA B 22 -21.12 4.04 9.26
C ALA B 22 -21.26 5.55 9.16
N ASP B 23 -20.14 6.26 9.02
CA ASP B 23 -20.15 7.71 8.92
C ASP B 23 -20.78 8.18 7.62
N GLN B 24 -20.84 7.36 6.56
CA GLN B 24 -21.49 7.82 5.35
C GLN B 24 -22.93 7.32 5.24
N GLY B 25 -23.46 6.83 6.35
CA GLY B 25 -24.82 6.34 6.46
C GLY B 25 -25.12 5.07 5.67
N GLN B 26 -24.13 4.20 5.46
CA GLN B 26 -24.34 3.00 4.68
C GLN B 26 -24.55 1.83 5.63
N SER B 27 -25.15 0.76 5.14
CA SER B 27 -25.29 -0.43 5.94
C SER B 27 -24.56 -1.49 5.14
N TRP B 28 -24.14 -2.52 5.86
CA TRP B 28 -23.40 -3.58 5.23
C TRP B 28 -23.71 -4.82 6.00
N LYS B 29 -23.35 -5.97 5.45
CA LYS B 29 -23.50 -7.25 6.12
C LYS B 29 -22.09 -7.72 6.54
N GLU B 30 -22.01 -8.28 7.73
CA GLU B 30 -20.78 -8.87 8.27
C GLU B 30 -20.85 -10.36 8.06
N GLU B 31 -20.02 -10.95 7.26
CA GLU B 31 -19.96 -12.39 7.15
C GLU B 31 -18.72 -12.75 7.98
N VAL B 32 -18.89 -13.37 9.16
CA VAL B 32 -17.79 -13.72 10.04
C VAL B 32 -17.20 -15.13 9.79
N VAL B 33 -15.88 -15.21 9.63
CA VAL B 33 -15.19 -16.49 9.40
C VAL B 33 -14.49 -16.75 10.72
N THR B 34 -14.71 -17.88 11.39
CA THR B 34 -13.95 -18.14 12.59
C THR B 34 -12.62 -18.75 12.20
N ILE B 35 -11.67 -18.66 13.12
CA ILE B 35 -10.35 -19.24 12.93
C ILE B 35 -10.41 -20.75 12.72
N ASP B 36 -11.27 -21.48 13.43
CA ASP B 36 -11.40 -22.93 13.22
C ASP B 36 -11.95 -23.28 11.86
N THR B 37 -12.86 -22.46 11.34
CA THR B 37 -13.34 -22.66 10.00
C THR B 37 -12.19 -22.29 9.07
N TRP B 38 -11.44 -21.21 9.26
CA TRP B 38 -10.37 -20.88 8.37
C TRP B 38 -9.37 -22.04 8.31
N MET B 39 -9.04 -22.64 9.44
CA MET B 39 -8.05 -23.70 9.45
C MET B 39 -8.39 -24.97 8.75
N GLN B 40 -9.68 -25.16 8.51
CA GLN B 40 -10.15 -26.28 7.71
C GLN B 40 -9.57 -26.17 6.29
N GLY B 41 -9.13 -25.00 5.79
CA GLY B 41 -8.51 -24.89 4.48
C GLY B 41 -9.43 -24.89 3.26
N LEU B 42 -10.75 -24.79 3.42
CA LEU B 42 -11.65 -24.76 2.28
C LEU B 42 -11.84 -23.36 1.66
N LEU B 43 -11.90 -22.29 2.48
CA LEU B 43 -12.14 -20.95 1.95
C LEU B 43 -10.87 -20.24 1.46
N LYS B 44 -9.76 -20.43 2.18
CA LYS B 44 -8.51 -19.83 1.80
C LYS B 44 -8.17 -19.96 0.32
N PRO B 45 -8.22 -21.11 -0.36
CA PRO B 45 -7.91 -21.27 -1.78
C PRO B 45 -8.81 -20.46 -2.69
N THR B 46 -10.02 -20.06 -2.23
CA THR B 46 -10.91 -19.31 -3.10
C THR B 46 -10.62 -17.81 -2.97
N CYS B 47 -9.77 -17.38 -2.02
CA CYS B 47 -9.41 -15.99 -1.85
C CYS B 47 -8.28 -15.66 -2.81
N LEU B 48 -8.27 -14.56 -3.56
CA LEU B 48 -7.21 -14.29 -4.51
C LEU B 48 -5.78 -14.41 -3.99
N TYR B 49 -5.50 -13.84 -2.81
CA TYR B 49 -4.15 -13.89 -2.26
C TYR B 49 -4.11 -14.79 -1.02
N GLY B 50 -5.11 -15.66 -0.90
CA GLY B 50 -5.24 -16.60 0.20
C GLY B 50 -5.61 -15.93 1.49
N GLN B 51 -6.01 -14.65 1.49
CA GLN B 51 -6.24 -13.90 2.74
C GLN B 51 -7.57 -13.14 2.77
N LEU B 52 -7.92 -12.70 3.97
CA LEU B 52 -9.10 -11.85 4.20
C LEU B 52 -8.58 -10.48 4.67
N PRO B 53 -9.26 -9.32 4.61
CA PRO B 53 -10.65 -9.19 4.16
C PRO B 53 -11.03 -9.48 2.69
N LYS B 54 -12.26 -9.93 2.55
CA LYS B 54 -12.87 -10.03 1.25
C LYS B 54 -14.06 -9.04 1.35
N PHE B 55 -14.34 -8.29 0.30
CA PHE B 55 -15.41 -7.32 0.36
C PHE B 55 -16.23 -7.43 -0.91
N GLU B 56 -17.57 -7.42 -0.80
CA GLU B 56 -18.40 -7.41 -2.00
C GLU B 56 -19.16 -6.10 -2.08
N ASP B 57 -19.15 -5.49 -3.24
CA ASP B 57 -19.94 -4.32 -3.49
C ASP B 57 -20.72 -4.69 -4.73
N GLY B 58 -21.96 -5.09 -4.50
CA GLY B 58 -22.80 -5.50 -5.62
C GLY B 58 -22.13 -6.71 -6.27
N ASP B 59 -21.86 -6.59 -7.56
CA ASP B 59 -21.20 -7.67 -8.28
C ASP B 59 -19.66 -7.49 -8.33
N LEU B 60 -19.06 -6.55 -7.61
CA LEU B 60 -17.63 -6.39 -7.59
C LEU B 60 -17.16 -7.07 -6.32
N THR B 61 -16.22 -8.00 -6.44
CA THR B 61 -15.62 -8.64 -5.28
C THR B 61 -14.19 -8.13 -5.17
N LEU B 62 -13.76 -7.64 -4.02
CA LEU B 62 -12.43 -7.14 -3.85
C LEU B 62 -11.70 -7.82 -2.69
N TYR B 63 -10.38 -7.78 -2.72
CA TYR B 63 -9.52 -8.21 -1.63
C TYR B 63 -8.59 -7.02 -1.46
N GLN B 64 -7.81 -7.05 -0.37
CA GLN B 64 -6.79 -6.09 0.04
C GLN B 64 -7.47 -4.89 0.67
N SER B 65 -7.27 -4.72 1.98
CA SER B 65 -7.91 -3.73 2.81
C SER B 65 -7.74 -2.32 2.28
N ASN B 66 -6.57 -1.91 1.80
CA ASN B 66 -6.41 -0.57 1.25
C ASN B 66 -7.02 -0.38 -0.15
N ALA B 67 -7.12 -1.41 -0.99
CA ALA B 67 -7.82 -1.29 -2.25
C ALA B 67 -9.33 -1.16 -1.94
N ILE B 68 -9.86 -1.86 -0.94
CA ILE B 68 -11.25 -1.70 -0.51
C ILE B 68 -11.50 -0.27 0.00
N LEU B 69 -10.64 0.28 0.87
CA LEU B 69 -10.75 1.66 1.33
C LEU B 69 -10.66 2.66 0.19
N ARG B 70 -9.76 2.50 -0.80
CA ARG B 70 -9.64 3.44 -1.92
C ARG B 70 -10.88 3.39 -2.82
N HIS B 71 -11.43 2.19 -3.03
CA HIS B 71 -12.64 1.99 -3.78
C HIS B 71 -13.77 2.74 -3.09
N LEU B 72 -14.00 2.52 -1.80
CA LEU B 72 -15.06 3.23 -1.10
C LEU B 72 -14.81 4.75 -1.13
N GLY B 73 -13.57 5.20 -0.98
CA GLY B 73 -13.18 6.59 -1.10
C GLY B 73 -13.54 7.14 -2.48
N ARG B 74 -13.32 6.40 -3.55
CA ARG B 74 -13.61 6.86 -4.90
C ARG B 74 -15.11 6.88 -5.12
N SER B 75 -15.81 5.78 -4.83
CA SER B 75 -17.22 5.77 -5.10
C SER B 75 -18.08 6.61 -4.18
N LEU B 76 -17.68 6.98 -2.95
CA LEU B 76 -18.53 7.80 -2.11
C LEU B 76 -18.03 9.23 -2.04
N GLY B 77 -17.09 9.61 -2.92
CA GLY B 77 -16.59 10.98 -2.96
C GLY B 77 -15.79 11.45 -1.76
N LEU B 78 -14.90 10.56 -1.26
CA LEU B 78 -14.04 10.76 -0.13
C LEU B 78 -12.57 10.65 -0.58
N TYR B 79 -12.25 11.24 -1.71
CA TYR B 79 -10.91 11.16 -2.23
C TYR B 79 -10.45 12.53 -2.73
N GLY B 80 -10.83 13.63 -2.09
CA GLY B 80 -10.36 14.95 -2.48
C GLY B 80 -11.17 15.59 -3.60
N LYS B 81 -10.79 16.86 -3.82
CA LYS B 81 -11.42 17.74 -4.79
C LYS B 81 -10.64 17.72 -6.10
N ASN B 82 -9.36 17.29 -6.10
CA ASN B 82 -8.52 17.36 -7.29
C ASN B 82 -7.36 16.37 -7.15
N GLN B 83 -6.56 16.28 -8.21
CA GLN B 83 -5.43 15.37 -8.27
C GLN B 83 -4.37 15.58 -7.21
N ARG B 84 -4.05 16.83 -6.88
CA ARG B 84 -3.03 17.12 -5.89
C ARG B 84 -3.45 16.60 -4.51
N GLU B 85 -4.74 16.76 -4.14
CA GLU B 85 -5.29 16.20 -2.90
C GLU B 85 -5.30 14.68 -2.92
N ALA B 86 -5.72 14.06 -4.03
CA ALA B 86 -5.70 12.60 -4.16
C ALA B 86 -4.30 12.01 -3.90
N ALA B 87 -3.25 12.62 -4.44
CA ALA B 87 -1.89 12.14 -4.24
C ALA B 87 -1.45 12.34 -2.81
N GLN B 88 -1.81 13.48 -2.19
CA GLN B 88 -1.47 13.69 -0.79
C GLN B 88 -2.12 12.67 0.13
N MET B 89 -3.37 12.32 -0.16
CA MET B 89 -4.13 11.34 0.58
C MET B 89 -3.51 9.96 0.38
N ASP B 90 -3.04 9.59 -0.83
CA ASP B 90 -2.35 8.31 -0.97
C ASP B 90 -1.03 8.26 -0.18
N MET B 91 -0.26 9.37 -0.15
CA MET B 91 0.95 9.49 0.65
C MET B 91 0.65 9.35 2.14
N VAL B 92 -0.38 10.02 2.67
CA VAL B 92 -0.84 9.79 4.03
C VAL B 92 -1.24 8.30 4.24
N ASN B 93 -2.16 7.75 3.46
CA ASN B 93 -2.62 6.37 3.68
C ASN B 93 -1.45 5.38 3.58
N ASP B 94 -0.47 5.53 2.68
CA ASP B 94 0.68 4.63 2.69
C ASP B 94 1.53 4.77 3.96
N GLY B 95 1.70 5.98 4.51
CA GLY B 95 2.36 6.20 5.79
C GLY B 95 1.61 5.48 6.90
N VAL B 96 0.26 5.52 6.93
CA VAL B 96 -0.52 4.80 7.93
C VAL B 96 -0.28 3.28 7.80
N GLU B 97 -0.39 2.74 6.60
CA GLU B 97 -0.12 1.34 6.34
C GLU B 97 1.26 0.87 6.80
N ASP B 98 2.28 1.68 6.57
CA ASP B 98 3.62 1.33 7.05
C ASP B 98 3.66 1.14 8.56
N LEU B 99 3.03 2.05 9.32
CA LEU B 99 3.04 1.94 10.75
C LEU B 99 2.10 0.83 11.16
N ARG B 100 0.98 0.61 10.46
CA ARG B 100 0.10 -0.50 10.78
C ARG B 100 0.85 -1.84 10.62
N GLY B 101 1.67 -2.01 9.57
CA GLY B 101 2.46 -3.22 9.37
C GLY B 101 3.43 -3.41 10.53
N LYS B 102 4.06 -2.37 11.08
CA LYS B 102 4.94 -2.49 12.23
C LYS B 102 4.18 -2.93 13.46
N TYR B 103 2.99 -2.34 13.63
CA TYR B 103 2.14 -2.68 14.78
C TYR B 103 1.74 -4.16 14.68
N VAL B 104 1.28 -4.66 13.53
CA VAL B 104 0.86 -6.04 13.38
C VAL B 104 2.02 -6.98 13.76
N THR B 105 3.24 -6.70 13.29
CA THR B 105 4.41 -7.46 13.65
C THR B 105 4.64 -7.44 15.13
N LEU B 106 4.62 -6.32 15.81
CA LEU B 106 4.79 -6.31 17.23
C LEU B 106 3.77 -7.22 17.93
N ILE B 107 2.49 -7.00 17.63
CA ILE B 107 1.39 -7.71 18.26
C ILE B 107 1.51 -9.22 18.04
N TYR B 108 1.76 -9.65 16.82
CA TYR B 108 1.69 -11.07 16.54
C TYR B 108 2.96 -11.84 16.70
N THR B 109 4.12 -11.17 16.66
CA THR B 109 5.38 -11.88 16.72
C THR B 109 6.30 -11.45 17.83
N ASN B 110 6.05 -10.38 18.59
CA ASN B 110 7.04 -9.94 19.54
C ASN B 110 6.54 -9.01 20.61
N TYR B 111 5.34 -9.24 21.10
CA TYR B 111 4.75 -8.33 22.05
C TYR B 111 5.46 -8.13 23.39
N GLU B 112 5.71 -9.22 24.11
CA GLU B 112 6.32 -9.10 25.43
C GLU B 112 7.75 -8.62 25.33
N ASN B 113 8.52 -8.97 24.30
CA ASN B 113 9.88 -8.48 24.25
C ASN B 113 10.10 -7.21 23.46
N GLY B 114 9.20 -6.83 22.56
CA GLY B 114 9.43 -5.65 21.75
C GLY B 114 8.58 -4.44 22.13
N LYS B 115 7.61 -4.51 23.05
CA LYS B 115 6.70 -3.40 23.30
C LYS B 115 7.37 -2.10 23.73
N ASN B 116 8.23 -2.20 24.73
CA ASN B 116 8.92 -1.05 25.26
C ASN B 116 9.70 -0.36 24.18
N ASP B 117 10.42 -1.12 23.37
CA ASP B 117 11.13 -0.51 22.27
C ASP B 117 10.24 0.17 21.24
N TYR B 118 9.12 -0.47 20.93
CA TYR B 118 8.18 0.05 19.96
C TYR B 118 7.63 1.37 20.47
N VAL B 119 7.19 1.44 21.72
CA VAL B 119 6.64 2.69 22.27
C VAL B 119 7.73 3.77 22.32
N LYS B 120 8.99 3.46 22.63
CA LYS B 120 10.08 4.44 22.59
C LYS B 120 10.26 5.02 21.18
N ALA B 121 10.10 4.18 20.15
CA ALA B 121 10.26 4.63 18.80
C ALA B 121 9.01 5.31 18.23
N LEU B 122 7.85 5.10 18.83
CA LEU B 122 6.59 5.61 18.31
C LEU B 122 6.48 7.11 18.09
N PRO B 123 6.92 8.06 18.95
CA PRO B 123 6.83 9.50 18.68
C PRO B 123 7.43 9.87 17.33
N GLY B 124 8.56 9.26 17.00
CA GLY B 124 9.22 9.49 15.73
C GLY B 124 8.34 9.02 14.60
N HIS B 125 7.51 8.03 14.79
CA HIS B 125 6.63 7.60 13.74
C HIS B 125 5.35 8.44 13.73
N LEU B 126 4.97 9.14 14.81
CA LEU B 126 3.73 9.92 14.79
C LEU B 126 3.90 11.35 14.36
N LYS B 127 5.07 11.89 14.59
CA LYS B 127 5.41 13.24 14.22
C LYS B 127 5.15 13.63 12.77
N PRO B 128 5.25 12.77 11.72
CA PRO B 128 4.87 13.13 10.36
C PRO B 128 3.42 13.53 10.26
N PHE B 129 2.55 12.87 11.01
CA PHE B 129 1.13 13.13 10.92
C PHE B 129 0.77 14.46 11.60
N GLU B 130 1.44 14.76 12.71
CA GLU B 130 1.27 16.05 13.37
C GLU B 130 1.71 17.20 12.42
N THR B 131 2.85 17.09 11.74
CA THR B 131 3.33 18.05 10.77
C THR B 131 2.34 18.21 9.62
N LEU B 132 1.83 17.10 9.07
CA LEU B 132 0.82 17.17 8.03
C LEU B 132 -0.38 17.95 8.54
N LEU B 133 -0.89 17.70 9.75
CA LEU B 133 -1.99 18.50 10.25
C LEU B 133 -1.61 19.95 10.42
N SER B 134 -0.42 20.32 10.89
CA SER B 134 -0.08 21.71 11.07
C SER B 134 -0.04 22.47 9.76
N GLN B 135 0.34 21.77 8.68
CA GLN B 135 0.38 22.36 7.35
C GLN B 135 -1.01 22.56 6.77
N ASN B 136 -2.02 21.83 7.26
CA ASN B 136 -3.37 21.93 6.74
C ASN B 136 -4.28 22.74 7.65
N GLN B 137 -4.31 24.06 7.40
CA GLN B 137 -5.19 25.00 8.11
C GLN B 137 -4.87 24.96 9.60
N GLY B 138 -3.61 24.79 9.97
CA GLY B 138 -3.19 24.74 11.37
C GLY B 138 -3.79 23.57 12.13
N GLY B 139 -4.13 22.48 11.44
CA GLY B 139 -4.60 21.29 12.13
C GLY B 139 -6.04 21.41 12.53
N LYS B 140 -6.81 22.38 12.02
CA LYS B 140 -8.19 22.45 12.48
C LYS B 140 -9.16 21.68 11.61
N ALA B 141 -8.75 21.09 10.47
CA ALA B 141 -9.64 20.45 9.50
C ALA B 141 -9.43 18.92 9.44
N PHE B 142 -9.16 18.35 8.28
CA PHE B 142 -8.92 16.93 8.14
C PHE B 142 -7.46 16.73 7.81
N ILE B 143 -7.01 15.50 7.44
CA ILE B 143 -5.57 15.33 7.29
C ILE B 143 -5.15 15.96 5.98
N VAL B 144 -6.01 15.96 4.97
CA VAL B 144 -5.72 16.61 3.69
C VAL B 144 -6.99 17.37 3.29
N GLY B 145 -6.90 18.66 2.93
CA GLY B 145 -8.05 19.38 2.41
C GLY B 145 -9.03 19.73 3.51
N ASP B 146 -10.22 20.11 3.09
CA ASP B 146 -11.25 20.55 4.03
C ASP B 146 -12.39 19.57 4.12
N GLN B 147 -12.34 18.43 3.42
CA GLN B 147 -13.40 17.44 3.56
C GLN B 147 -12.82 16.12 4.11
N ILE B 148 -13.56 15.31 4.86
CA ILE B 148 -13.04 14.04 5.35
C ILE B 148 -12.75 13.11 4.12
N SER B 149 -11.80 12.19 4.22
CA SER B 149 -11.46 11.34 3.09
C SER B 149 -11.27 9.94 3.64
N PHE B 150 -11.07 8.92 2.76
CA PHE B 150 -10.81 7.55 3.23
C PHE B 150 -9.59 7.49 4.16
N ALA B 151 -8.59 8.34 3.93
CA ALA B 151 -7.38 8.34 4.73
C ALA B 151 -7.60 8.81 6.16
N ASP B 152 -8.57 9.69 6.44
CA ASP B 152 -8.89 10.11 7.81
C ASP B 152 -9.38 8.91 8.62
N TYR B 153 -10.21 8.06 8.03
CA TYR B 153 -10.72 6.93 8.79
C TYR B 153 -9.62 5.94 9.17
N ASN B 154 -8.70 5.77 8.21
CA ASN B 154 -7.58 4.87 8.42
C ASN B 154 -6.63 5.46 9.45
N LEU B 155 -6.27 6.72 9.38
CA LEU B 155 -5.47 7.34 10.43
C LEU B 155 -6.21 7.35 11.77
N LEU B 156 -7.51 7.61 11.82
CA LEU B 156 -8.22 7.60 13.08
C LEU B 156 -8.12 6.23 13.74
N ASP B 157 -8.41 5.14 13.02
CA ASP B 157 -8.27 3.78 13.59
C ASP B 157 -6.86 3.45 14.16
N LEU B 158 -5.84 3.79 13.38
CA LEU B 158 -4.45 3.61 13.76
C LEU B 158 -4.15 4.33 15.09
N LEU B 159 -4.54 5.60 15.24
CA LEU B 159 -4.28 6.34 16.47
C LEU B 159 -5.06 5.77 17.65
N LEU B 160 -6.29 5.29 17.45
CA LEU B 160 -7.12 4.75 18.51
C LEU B 160 -6.55 3.46 19.04
N ILE B 161 -6.04 2.55 18.18
CA ILE B 161 -5.44 1.31 18.70
C ILE B 161 -4.09 1.66 19.33
N HIS B 162 -3.31 2.67 18.90
CA HIS B 162 -2.07 2.99 19.59
C HIS B 162 -2.31 3.67 20.96
N GLN B 163 -3.45 4.33 21.16
CA GLN B 163 -3.75 4.84 22.48
C GLN B 163 -4.08 3.67 23.39
N VAL B 164 -4.54 2.51 22.92
CA VAL B 164 -4.77 1.35 23.79
C VAL B 164 -3.39 0.74 24.15
N LEU B 165 -2.55 0.57 23.14
CA LEU B 165 -1.20 0.10 23.31
C LEU B 165 -0.35 0.98 24.20
N ALA B 166 -0.31 2.29 24.02
CA ALA B 166 0.57 3.19 24.74
C ALA B 166 -0.28 4.39 25.16
N PRO B 167 -1.00 4.26 26.28
CA PRO B 167 -1.92 5.28 26.76
C PRO B 167 -1.09 6.55 26.95
N GLY B 168 -1.49 7.70 26.44
CA GLY B 168 -0.63 8.85 26.59
C GLY B 168 0.36 9.03 25.46
N CYS B 169 0.40 8.19 24.41
CA CYS B 169 1.30 8.42 23.31
C CYS B 169 0.95 9.72 22.57
N LEU B 170 -0.31 10.24 22.62
CA LEU B 170 -0.57 11.48 21.90
C LEU B 170 -0.39 12.70 22.77
N ASP B 171 0.03 12.52 24.04
CA ASP B 171 0.27 13.64 24.94
C ASP B 171 1.09 14.78 24.38
N ASN B 172 2.16 14.47 23.67
CA ASN B 172 2.98 15.52 23.14
C ASN B 172 2.62 15.90 21.74
N PHE B 173 1.47 15.44 21.24
CA PHE B 173 1.03 15.74 19.89
C PHE B 173 -0.32 16.40 19.99
N PRO B 174 -0.39 17.72 20.29
CA PRO B 174 -1.65 18.42 20.49
C PRO B 174 -2.61 18.45 19.29
N LEU B 175 -2.13 18.57 18.05
CA LEU B 175 -3.06 18.56 16.93
C LEU B 175 -3.61 17.14 16.73
N LEU B 176 -2.83 16.06 16.90
CA LEU B 176 -3.37 14.71 16.73
C LEU B 176 -4.35 14.41 17.86
N SER B 177 -4.10 14.82 19.10
CA SER B 177 -5.05 14.61 20.19
C SER B 177 -6.39 15.24 19.88
N ALA B 178 -6.34 16.49 19.40
CA ALA B 178 -7.54 17.24 19.06
C ALA B 178 -8.25 16.63 17.90
N TYR B 179 -7.48 16.19 16.90
CA TYR B 179 -7.99 15.49 15.74
C TYR B 179 -8.79 14.25 16.12
N VAL B 180 -8.22 13.39 16.97
CA VAL B 180 -8.89 12.18 17.39
C VAL B 180 -10.17 12.56 18.09
N ALA B 181 -10.09 13.55 18.99
CA ALA B 181 -11.27 14.00 19.72
C ALA B 181 -12.39 14.48 18.79
N ARG B 182 -12.05 15.30 17.81
CA ARG B 182 -12.98 15.87 16.86
C ARG B 182 -13.63 14.83 15.96
N LEU B 183 -12.83 13.96 15.30
CA LEU B 183 -13.43 12.95 14.45
C LEU B 183 -14.22 11.95 15.29
N SER B 184 -13.76 11.55 16.48
CA SER B 184 -14.50 10.66 17.36
C SER B 184 -15.84 11.24 17.81
N ALA B 185 -15.98 12.57 17.87
CA ALA B 185 -17.23 13.18 18.28
C ALA B 185 -18.25 13.21 17.17
N ARG B 186 -17.87 12.97 15.91
CA ARG B 186 -18.80 12.95 14.79
C ARG B 186 -19.91 11.98 15.11
N PRO B 187 -21.20 12.34 15.06
CA PRO B 187 -22.26 11.54 15.68
C PRO B 187 -22.37 10.08 15.20
N LYS B 188 -22.17 9.82 13.91
CA LYS B 188 -22.24 8.45 13.44
C LYS B 188 -20.98 7.69 13.84
N ILE B 189 -19.83 8.30 14.00
CA ILE B 189 -18.65 7.57 14.46
C ILE B 189 -18.86 7.31 15.94
N LYS B 190 -19.25 8.33 16.72
CA LYS B 190 -19.56 8.19 18.14
C LYS B 190 -20.48 7.01 18.46
N ALA B 191 -21.51 6.88 17.65
CA ALA B 191 -22.47 5.81 17.77
C ALA B 191 -21.83 4.47 17.47
N PHE B 192 -20.98 4.43 16.43
CA PHE B 192 -20.34 3.19 16.05
C PHE B 192 -19.36 2.74 17.14
N LEU B 193 -18.58 3.66 17.69
CA LEU B 193 -17.59 3.32 18.68
C LEU B 193 -18.20 2.88 19.99
N SER B 194 -19.45 3.22 20.25
CA SER B 194 -20.03 2.71 21.46
C SER B 194 -20.95 1.55 21.16
N SER B 195 -21.04 1.06 19.93
CA SER B 195 -21.91 -0.08 19.71
C SER B 195 -21.30 -1.38 20.25
N PRO B 196 -22.06 -2.35 20.80
CA PRO B 196 -21.50 -3.59 21.33
C PRO B 196 -20.79 -4.39 20.23
N GLU B 197 -21.17 -4.25 18.95
CA GLU B 197 -20.56 -4.94 17.81
C GLU B 197 -19.10 -4.53 17.77
N HIS B 198 -18.83 -3.24 17.86
CA HIS B 198 -17.48 -2.75 17.90
C HIS B 198 -16.82 -3.06 19.21
N VAL B 199 -17.49 -2.75 20.32
CA VAL B 199 -16.89 -2.86 21.63
C VAL B 199 -16.52 -4.29 21.96
N ASN B 200 -17.37 -5.21 21.54
CA ASN B 200 -17.15 -6.59 21.89
C ASN B 200 -16.22 -7.27 20.91
N ARG B 201 -15.76 -6.59 19.86
CA ARG B 201 -14.91 -7.23 18.89
C ARG B 201 -13.49 -7.01 19.38
N PRO B 202 -12.60 -8.01 19.56
CA PRO B 202 -11.23 -7.77 19.96
C PRO B 202 -10.47 -6.98 18.90
N ILE B 203 -9.47 -6.15 19.24
CA ILE B 203 -8.70 -5.43 18.24
C ILE B 203 -7.94 -6.41 17.35
N ASN B 204 -7.23 -7.37 17.96
CA ASN B 204 -6.40 -8.31 17.21
C ASN B 204 -6.83 -9.75 17.44
N GLY B 205 -6.36 -10.69 16.65
CA GLY B 205 -6.80 -12.09 16.78
C GLY B 205 -6.13 -12.88 17.91
N ASN B 206 -5.01 -12.42 18.44
CA ASN B 206 -4.32 -13.20 19.44
C ASN B 206 -4.55 -12.72 20.86
N GLY B 207 -5.60 -11.92 21.01
CA GLY B 207 -5.86 -11.39 22.32
C GLY B 207 -4.90 -10.31 22.81
N LYS B 208 -3.78 -9.96 22.16
CA LYS B 208 -2.96 -8.86 22.65
C LYS B 208 -3.40 -7.52 22.05
N GLN B 209 -3.04 -6.43 22.72
CA GLN B 209 -3.38 -5.07 22.34
C GLN B 209 -2.68 -4.11 23.30
#